data_6AND
#
_entry.id   6AND
#
_cell.length_a   63.402
_cell.length_b   72.947
_cell.length_c   70.724
_cell.angle_alpha   90.00
_cell.angle_beta   110.73
_cell.angle_gamma   90.00
#
_symmetry.space_group_name_H-M   'P 1 21 1'
#
loop_
_entity.id
_entity.type
_entity.pdbx_description
1 polymer 'Anti-kappa VHH domain'
2 polymer 'Pinatuzumab Fab Heavy chain'
3 polymer 'Pinatuzumab Fab light chain'
4 non-polymer GLYCEROL
5 water water
#
loop_
_entity_poly.entity_id
_entity_poly.type
_entity_poly.pdbx_seq_one_letter_code
_entity_poly.pdbx_strand_id
1 'polypeptide(L)'
;(UNK)(UNK)(UNK)(UNK)(UNK)(UNK)(UNK)(UNK)(UNK)(UNK)(UNK)(UNK)(UNK)(UNK)(UNK)(UNK)
(UNK)(UNK)(UNK)(UNK)(UNK)(UNK)(UNK)(UNK)(UNK)(UNK)(UNK)(UNK)(UNK)(UNK)(UNK)(UNK)
(UNK)(UNK)(UNK)(UNK)(UNK)(UNK)(UNK)(UNK)(UNK)(UNK)(UNK)(UNK)(UNK)(UNK)(UNK)(UNK)
(UNK)(UNK)(UNK)(UNK)(UNK)(UNK)(UNK)(UNK)(UNK)(UNK)(UNK)(UNK)(UNK)(UNK)(UNK)(UNK)
(UNK)(UNK)(UNK)(UNK)(UNK)(UNK)(UNK)(UNK)(UNK)(UNK)(UNK)(UNK)(UNK)(UNK)(UNK)(UNK)
(UNK)(UNK)(UNK)(UNK)(UNK)(UNK)(UNK)(UNK)(UNK)(UNK)(UNK)(UNK)(UNK)(UNK)(UNK)(UNK)
(UNK)(UNK)(UNK)(UNK)(UNK)(UNK)(UNK)(UNK)(UNK)(UNK)(UNK)(UNK)(UNK)(UNK)(UNK)(UNK)
(UNK)(UNK)(UNK)(UNK)(UNK)(UNK)(UNK)(UNK)(UNK)
;
K
2 'polypeptide(L)'
;EVQLVESGGGLVQPGGSLRLSCAASGYEFSRSWMNWVRQAPGKGLEWVGRIYPGDGDTQYSGKFKGRFTISADTSKNTAY
LQMNSLRAEDTAVYYCARDGSSWDWYFDVWGQGTLVTVSSASTKGPSVFPLAPSSKSTSGGTAALGCLVKDYFPEPVTVS
WNSGALTSGVHTFPAVLQSSGLYSLSSVVTVPSSSLGTQTYICNVNHKPSNTKVDKRVEPKSC
;
H
3 'polypeptide(L)'
;DIQMTQSPSSLSASVGDRVTITCRSSQSIVHSVGNTFLEWYQQKPGKAPKLLIYKVSNRFSGVPSRFSGSGSGTDFTLTI
SSLQPEDFATYYCFQGSQFPYTFGQGTKVEIKRTVAAPSVFIFPPSDEQLKSGTASVVCLLNNFYPREAKVQWKVDNALQ
SGNSQESVTEQDSKDSTYSLSSTLTLSKADYEKHKVYACEVTHQGLSSPVTKSFNRGEC
;
L
#
loop_
_chem_comp.id
_chem_comp.type
_chem_comp.name
_chem_comp.formula
GOL non-polymer GLYCEROL 'C3 H8 O3'
#
# COMPACT_ATOMS: atom_id res chain seq x y z
N UNK A 1 -16.40 19.33 25.73
CA UNK A 1 -16.85 19.19 24.35
C UNK A 1 -18.21 18.50 24.30
N UNK A 2 -19.12 19.06 23.51
CA UNK A 2 -20.47 18.52 23.42
C UNK A 2 -20.91 18.40 21.96
N UNK A 3 -21.66 17.34 21.66
CA UNK A 3 -22.22 17.13 20.34
C UNK A 3 -23.73 16.97 20.44
N UNK A 4 -24.46 17.60 19.52
CA UNK A 4 -25.92 17.54 19.55
C UNK A 4 -26.47 17.26 18.15
N UNK A 5 -27.10 16.09 17.99
CA UNK A 5 -27.69 15.73 16.71
C UNK A 5 -29.13 16.26 16.64
N UNK A 6 -29.57 16.59 15.43
CA UNK A 6 -30.91 17.11 15.24
C UNK A 6 -31.48 16.73 13.89
N UNK A 7 -32.79 16.97 13.75
CA UNK A 7 -33.53 16.93 12.49
C UNK A 7 -33.82 15.52 11.97
N UNK A 8 -33.92 14.58 12.89
CA UNK A 8 -34.42 13.27 12.53
C UNK A 8 -35.92 13.32 12.77
N UNK A 9 -36.65 12.28 12.36
CA UNK A 9 -38.10 12.21 12.52
C UNK A 9 -38.68 10.99 11.84
N UNK A 10 -39.99 10.98 11.69
CA UNK A 10 -40.67 9.95 10.91
C UNK A 10 -40.77 10.43 9.47
N UNK A 11 -40.30 9.59 8.55
CA UNK A 11 -40.31 9.94 7.14
C UNK A 11 -40.81 8.76 6.33
N UNK A 12 -41.41 9.05 5.17
CA UNK A 12 -41.96 8.01 4.32
C UNK A 12 -40.83 7.32 3.56
N UNK A 13 -41.09 6.10 3.09
CA UNK A 13 -40.13 5.42 2.24
C UNK A 13 -39.87 6.27 1.00
N UNK A 14 -38.60 6.40 0.63
CA UNK A 14 -38.13 7.21 -0.50
C UNK A 14 -38.13 8.72 -0.19
N UNK A 15 -38.48 9.10 1.02
CA UNK A 15 -38.47 10.50 1.41
C UNK A 15 -37.06 10.96 1.80
N UNK A 16 -36.97 12.20 2.28
CA UNK A 16 -35.68 12.79 2.58
C UNK A 16 -35.67 13.50 3.93
N UNK A 17 -34.51 13.47 4.58
CA UNK A 17 -34.28 14.20 5.81
C UNK A 17 -32.83 14.71 5.80
N UNK A 18 -32.55 15.71 6.61
CA UNK A 18 -31.20 16.19 6.74
C UNK A 18 -30.85 16.28 8.21
N UNK A 19 -29.99 15.40 8.67
CA UNK A 19 -29.55 15.44 10.07
C UNK A 19 -28.48 16.50 10.22
N UNK A 20 -28.47 17.14 11.38
CA UNK A 20 -27.47 18.14 11.71
C UNK A 20 -26.78 17.71 12.98
N UNK A 21 -25.50 18.03 13.09
CA UNK A 21 -24.72 17.72 14.28
C UNK A 21 -23.94 18.96 14.68
N UNK A 22 -24.32 19.57 15.79
CA UNK A 22 -23.69 20.81 16.24
C UNK A 22 -22.69 20.53 17.36
N UNK A 23 -21.45 20.96 17.16
CA UNK A 23 -20.41 20.73 18.14
C UNK A 23 -20.16 21.97 18.98
N UNK A 24 -19.95 21.76 20.28
CA UNK A 24 -19.62 22.86 21.18
C UNK A 24 -18.32 22.55 21.91
N UNK A 25 -17.57 23.60 22.22
CA UNK A 25 -16.30 23.52 22.94
C UNK A 25 -15.24 22.77 22.14
N UNK A 26 -15.34 22.80 20.82
CA UNK A 26 -14.34 22.19 19.95
C UNK A 26 -14.46 22.71 18.53
N UNK A 27 -13.32 23.05 17.93
CA UNK A 27 -13.29 23.49 16.54
C UNK A 27 -13.22 22.27 15.62
N UNK A 28 -14.31 22.00 14.91
CA UNK A 28 -14.42 20.80 14.10
C UNK A 28 -13.55 20.86 12.84
N UNK A 29 -13.10 22.07 12.50
CA UNK A 29 -12.33 22.33 11.28
C UNK A 29 -11.15 21.38 11.07
N UNK A 30 -10.48 21.04 12.16
CA UNK A 30 -9.26 20.23 12.08
C UNK A 30 -9.56 18.73 12.14
N UNK A 31 -10.81 18.38 12.38
CA UNK A 31 -11.17 16.99 12.64
C UNK A 31 -12.20 16.42 11.66
N UNK A 32 -12.07 15.13 11.39
CA UNK A 32 -13.11 14.40 10.67
C UNK A 32 -14.30 14.24 11.60
N UNK A 33 -15.50 14.32 11.04
CA UNK A 33 -16.73 14.12 11.78
C UNK A 33 -17.49 12.96 11.16
N UNK A 34 -17.95 12.02 11.97
CA UNK A 34 -18.57 10.82 11.44
C UNK A 34 -20.00 10.61 11.92
N UNK A 35 -20.81 9.99 11.07
CA UNK A 35 -22.15 9.56 11.46
C UNK A 35 -22.17 8.05 11.64
N UNK A 36 -22.76 7.62 12.76
CA UNK A 36 -23.04 6.21 13.01
C UNK A 36 -24.54 6.05 13.24
N UNK A 37 -25.01 4.82 13.15
CA UNK A 37 -26.42 4.52 13.38
C UNK A 37 -26.54 3.22 14.17
N UNK A 38 -27.56 3.15 15.01
CA UNK A 38 -27.80 1.95 15.79
C UNK A 38 -29.28 1.62 15.80
N UNK A 39 -29.64 0.49 15.20
CA UNK A 39 -30.99 -0.03 15.34
C UNK A 39 -31.01 -0.82 16.64
N UNK A 40 -32.16 -0.86 17.30
CA UNK A 40 -32.30 -1.49 18.61
C UNK A 40 -31.70 -2.90 18.63
N UNK A 41 -30.82 -3.14 19.59
CA UNK A 41 -30.17 -4.43 19.85
C UNK A 41 -29.08 -4.78 18.85
N UNK A 42 -28.85 -3.91 17.87
CA UNK A 42 -27.79 -4.13 16.89
C UNK A 42 -26.56 -3.34 17.28
N UNK A 43 -25.43 -3.64 16.63
CA UNK A 43 -24.21 -2.90 16.92
C UNK A 43 -24.28 -1.52 16.29
N UNK A 44 -23.61 -0.55 16.90
CA UNK A 44 -23.49 0.78 16.31
C UNK A 44 -22.68 0.66 15.04
N UNK A 45 -23.28 1.05 13.92
CA UNK A 45 -22.68 0.83 12.61
C UNK A 45 -22.30 2.14 11.92
N UNK A 46 -21.16 2.12 11.24
CA UNK A 46 -20.68 3.28 10.52
C UNK A 46 -21.62 3.66 9.39
N UNK A 47 -21.83 4.96 9.18
CA UNK A 47 -22.66 5.44 8.08
C UNK A 47 -21.85 6.30 7.11
N UNK A 48 -21.20 7.35 7.62
CA UNK A 48 -20.42 8.23 6.77
C UNK A 48 -19.40 9.03 7.58
N UNK A 49 -18.34 9.44 6.90
CA UNK A 49 -17.33 10.29 7.50
C UNK A 49 -17.02 11.44 6.56
N UNK A 50 -17.00 12.64 7.11
CA UNK A 50 -16.53 13.80 6.35
C UNK A 50 -15.18 14.20 6.92
N UNK A 51 -14.12 13.99 6.15
CA UNK A 51 -12.80 14.40 6.60
C UNK A 51 -12.68 15.90 6.44
N UNK A 52 -11.53 16.46 6.77
CA UNK A 52 -11.31 17.90 6.60
C UNK A 52 -11.56 18.28 5.15
N UNK A 53 -11.89 19.55 4.90
CA UNK A 53 -12.14 20.03 3.55
C UNK A 53 -11.03 19.58 2.60
N UNK A 54 -11.44 18.98 1.48
CA UNK A 54 -10.58 18.41 0.43
C UNK A 54 -9.98 17.05 0.78
N UNK A 55 -10.25 16.52 1.97
CA UNK A 55 -9.71 15.21 2.35
C UNK A 55 -10.71 14.08 2.10
N UNK A 56 -11.85 14.43 1.50
CA UNK A 56 -12.87 13.51 1.00
C UNK A 56 -13.86 13.01 2.05
N UNK A 57 -14.96 12.46 1.56
CA UNK A 57 -15.97 11.84 2.39
C UNK A 57 -16.04 10.35 2.06
N UNK A 58 -16.28 9.52 3.06
CA UNK A 58 -16.36 8.07 2.87
C UNK A 58 -17.67 7.54 3.41
N UNK A 59 -18.20 6.48 2.80
CA UNK A 59 -19.53 5.98 3.15
C UNK A 59 -19.58 4.48 3.39
N UNK A 60 -20.59 4.05 4.14
CA UNK A 60 -20.85 2.63 4.30
C UNK A 60 -21.55 2.12 3.04
N UNK A 61 -21.45 0.82 2.79
CA UNK A 61 -22.05 0.22 1.59
C UNK A 61 -23.56 0.42 1.55
N UNK A 62 -24.20 0.44 2.72
CA UNK A 62 -25.66 0.49 2.79
C UNK A 62 -26.24 1.85 2.39
N UNK A 63 -25.42 2.90 2.43
CA UNK A 63 -25.93 4.25 2.26
C UNK A 63 -25.35 4.95 1.03
N UNK A 64 -24.37 4.32 0.38
CA UNK A 64 -23.71 4.88 -0.78
C UNK A 64 -24.72 5.31 -1.85
N UNK A 65 -24.50 6.52 -2.36
CA UNK A 65 -25.30 7.17 -3.40
C UNK A 65 -26.59 7.83 -2.88
N UNK A 66 -27.05 7.44 -1.69
CA UNK A 66 -28.29 8.01 -1.15
C UNK A 66 -28.02 9.06 -0.08
N UNK A 67 -27.01 8.82 0.74
CA UNK A 67 -26.67 9.76 1.80
C UNK A 67 -25.43 10.56 1.42
N UNK A 68 -25.41 11.82 1.86
CA UNK A 68 -24.26 12.68 1.61
C UNK A 68 -23.91 13.45 2.89
N UNK A 69 -22.66 13.32 3.31
CA UNK A 69 -22.18 14.06 4.48
C UNK A 69 -21.60 15.39 4.02
N UNK A 70 -21.89 16.46 4.75
CA UNK A 70 -21.41 17.80 4.42
C UNK A 70 -20.93 18.49 5.68
N UNK A 71 -20.08 19.50 5.51
CA UNK A 71 -19.53 20.22 6.66
C UNK A 71 -19.78 21.72 6.57
N UNK A 72 -20.04 22.32 7.73
CA UNK A 72 -20.06 23.77 7.86
C UNK A 72 -19.08 24.14 8.97
N UNK A 73 -17.81 24.27 8.59
CA UNK A 73 -16.73 24.50 9.54
C UNK A 73 -16.94 25.77 10.35
N UNK A 74 -17.46 26.80 9.69
CA UNK A 74 -17.71 28.08 10.33
C UNK A 74 -18.67 27.95 11.51
N UNK A 75 -19.67 27.10 11.37
CA UNK A 75 -20.68 26.95 12.42
C UNK A 75 -20.48 25.70 13.27
N UNK A 76 -19.32 25.06 13.13
CA UNK A 76 -18.99 23.84 13.88
C UNK A 76 -20.11 22.81 13.77
N UNK A 77 -20.62 22.62 12.55
CA UNK A 77 -21.73 21.70 12.32
C UNK A 77 -21.48 20.82 11.09
N UNK A 78 -21.86 19.56 11.21
CA UNK A 78 -21.78 18.62 10.08
C UNK A 78 -23.18 18.16 9.75
N UNK A 79 -23.39 17.75 8.50
CA UNK A 79 -24.73 17.39 8.03
C UNK A 79 -24.73 15.99 7.43
N UNK A 80 -25.88 15.34 7.52
CA UNK A 80 -26.12 14.08 6.80
C UNK A 80 -27.42 14.22 6.02
N UNK A 81 -27.28 14.49 4.72
CA UNK A 81 -28.45 14.58 3.84
C UNK A 81 -28.85 13.17 3.44
N UNK A 82 -30.03 12.75 3.86
CA UNK A 82 -30.51 11.39 3.59
C UNK A 82 -31.65 11.39 2.60
N UNK A 83 -31.40 10.91 1.38
CA UNK A 83 -32.44 10.82 0.36
C UNK A 83 -32.80 9.36 0.09
N UNK A 84 -33.94 9.15 -0.56
CA UNK A 84 -34.41 7.82 -0.94
C UNK A 84 -34.36 6.87 0.26
N UNK A 85 -34.92 7.31 1.37
CA UNK A 85 -34.84 6.57 2.62
C UNK A 85 -35.55 5.23 2.54
N UNK A 86 -34.97 4.22 3.20
CA UNK A 86 -35.52 2.87 3.21
C UNK A 86 -35.88 2.51 4.63
N UNK A 87 -36.79 1.54 4.78
CA UNK A 87 -37.20 1.07 6.10
C UNK A 87 -35.98 0.62 6.91
N UNK A 88 -35.02 0.01 6.22
CA UNK A 88 -33.81 -0.51 6.85
C UNK A 88 -32.90 0.61 7.37
N UNK A 89 -33.23 1.86 7.05
CA UNK A 89 -32.44 2.98 7.52
C UNK A 89 -32.91 3.46 8.89
N UNK A 90 -34.01 2.90 9.37
CA UNK A 90 -34.54 3.27 10.69
C UNK A 90 -33.54 2.89 11.78
N UNK A 91 -33.16 3.88 12.58
CA UNK A 91 -32.16 3.73 13.63
C UNK A 91 -32.02 5.04 14.39
N UNK A 92 -31.29 5.00 15.50
CA UNK A 92 -30.83 6.21 16.14
C UNK A 92 -29.53 6.61 15.46
N UNK A 93 -29.44 7.84 14.98
CA UNK A 93 -28.25 8.32 14.30
C UNK A 93 -27.39 9.14 15.24
N UNK A 94 -26.09 8.83 15.27
CA UNK A 94 -25.17 9.48 16.19
C UNK A 94 -24.02 10.17 15.45
N UNK A 95 -23.63 11.33 15.96
CA UNK A 95 -22.47 12.03 15.41
C UNK A 95 -21.27 11.86 16.34
N UNK A 96 -20.08 11.68 15.78
CA UNK A 96 -18.87 11.55 16.58
C UNK A 96 -17.72 12.33 15.97
N UNK A 97 -16.86 12.86 16.82
CA UNK A 97 -15.67 13.57 16.36
C UNK A 97 -14.47 12.63 16.38
N UNK A 98 -13.73 12.63 15.27
CA UNK A 98 -12.48 11.88 15.22
C UNK A 98 -11.38 12.76 15.79
N UNK A 99 -10.97 12.47 17.02
CA UNK A 99 -10.00 13.30 17.73
C UNK A 99 -8.61 13.19 17.12
N UNK A 100 -8.42 12.20 16.25
CA UNK A 100 -7.14 11.98 15.58
C UNK A 100 -7.12 12.73 14.25
N UNK A 101 -6.23 13.72 14.16
CA UNK A 101 -6.08 14.52 12.96
C UNK A 101 -5.62 13.67 11.77
N UNK A 102 -5.03 12.52 12.08
CA UNK A 102 -4.52 11.61 11.04
C UNK A 102 -5.57 10.56 10.65
N UNK A 103 -6.80 10.73 11.13
CA UNK A 103 -7.98 9.97 10.69
C UNK A 103 -8.01 8.49 11.08
N UNK A 104 -7.46 8.14 12.23
CA UNK A 104 -7.48 6.77 12.72
C UNK A 104 -8.75 6.47 13.53
N UNK A 105 -9.58 7.50 13.66
CA UNK A 105 -10.83 7.48 14.44
C UNK A 105 -10.72 7.22 15.93
N UNK A 106 -10.07 8.12 16.64
CA UNK A 106 -10.19 8.13 18.09
C UNK A 106 -11.49 8.87 18.39
N UNK A 107 -12.61 8.15 18.38
CA UNK A 107 -13.92 8.75 18.63
C UNK A 107 -14.16 8.91 20.13
N UNK A 108 -13.68 10.02 20.67
CA UNK A 108 -13.77 10.27 22.11
C UNK A 108 -15.10 10.92 22.48
N UNK A 109 -15.59 11.82 21.63
CA UNK A 109 -16.84 12.54 21.91
C UNK A 109 -17.97 12.10 20.99
N UNK A 110 -19.13 11.82 21.58
CA UNK A 110 -20.30 11.41 20.82
C UNK A 110 -21.54 12.21 21.24
N UNK A 111 -22.50 12.35 20.32
CA UNK A 111 -23.77 13.00 20.62
C UNK A 111 -24.73 12.02 21.25
N UNK A 112 -25.89 12.50 21.69
CA UNK A 112 -26.89 11.66 22.35
C UNK A 112 -27.80 10.99 21.31
N UNK A 113 -27.60 11.36 20.05
CA UNK A 113 -28.25 10.77 18.88
C UNK A 113 -29.67 11.30 18.62
N UNK A 114 -30.12 11.10 17.39
CA UNK A 114 -31.45 11.51 16.95
C UNK A 114 -32.16 10.36 16.24
N UNK A 115 -33.41 10.11 16.59
CA UNK A 115 -34.13 8.96 16.07
C UNK A 115 -34.69 9.17 14.66
N UNK A 116 -34.27 8.31 13.75
CA UNK A 116 -34.79 8.33 12.39
C UNK A 116 -35.68 7.11 12.17
N UNK A 117 -36.93 7.33 11.77
CA UNK A 117 -37.86 6.24 11.54
C UNK A 117 -38.43 6.33 10.14
N UNK A 118 -38.17 5.32 9.32
CA UNK A 118 -38.64 5.31 7.94
C UNK A 118 -39.78 4.31 7.79
N UNK A 119 -41.00 4.84 7.66
CA UNK A 119 -42.19 4.03 7.48
C UNK A 119 -43.34 4.90 6.99
N UNK A 120 -44.35 4.26 6.40
CA UNK A 120 -45.52 4.99 5.90
C UNK A 120 -46.64 4.96 6.94
N VAL B 2 9.35 -10.23 -28.25
CA VAL B 2 10.32 -9.28 -27.75
C VAL B 2 10.39 -9.37 -26.23
N GLN B 3 11.59 -9.61 -25.70
CA GLN B 3 11.75 -9.84 -24.27
C GLN B 3 13.12 -9.34 -23.81
N LEU B 4 13.15 -8.79 -22.60
CA LEU B 4 14.39 -8.43 -21.93
C LEU B 4 14.42 -9.12 -20.57
N VAL B 5 15.59 -9.65 -20.21
CA VAL B 5 15.77 -10.39 -18.97
C VAL B 5 17.02 -9.87 -18.28
N GLU B 6 16.84 -9.28 -17.09
CA GLU B 6 17.97 -8.85 -16.28
C GLU B 6 18.45 -9.98 -15.38
N SER B 7 19.75 -9.99 -15.10
CA SER B 7 20.33 -10.99 -14.23
C SER B 7 21.54 -10.40 -13.53
N GLY B 8 21.98 -11.06 -12.47
CA GLY B 8 23.16 -10.65 -11.73
C GLY B 8 22.88 -9.91 -10.45
N GLY B 9 21.62 -9.55 -10.17
CA GLY B 9 21.31 -8.88 -8.93
C GLY B 9 21.54 -9.78 -7.73
N GLY B 10 21.93 -9.15 -6.62
CA GLY B 10 22.18 -9.89 -5.41
C GLY B 10 22.62 -8.98 -4.30
N LEU B 11 23.19 -9.57 -3.25
CA LEU B 11 23.65 -8.84 -2.09
C LEU B 11 25.12 -8.47 -2.25
N VAL B 12 25.45 -7.20 -1.99
CA VAL B 12 26.80 -6.68 -2.11
C VAL B 12 27.11 -5.84 -0.87
N GLN B 13 28.33 -5.97 -0.35
CA GLN B 13 28.75 -5.12 0.76
C GLN B 13 29.00 -3.69 0.26
N PRO B 14 28.75 -2.70 1.11
CA PRO B 14 29.08 -1.32 0.74
C PRO B 14 30.54 -1.17 0.35
N GLY B 15 30.78 -0.46 -0.75
CA GLY B 15 32.10 -0.39 -1.34
C GLY B 15 32.40 -1.46 -2.36
N GLY B 16 31.59 -2.51 -2.42
CA GLY B 16 31.79 -3.59 -3.37
C GLY B 16 31.34 -3.21 -4.77
N SER B 17 31.37 -4.21 -5.65
CA SER B 17 31.03 -4.01 -7.05
C SER B 17 30.16 -5.17 -7.53
N LEU B 18 29.48 -4.93 -8.65
CA LEU B 18 28.53 -5.90 -9.18
C LEU B 18 28.26 -5.56 -10.64
N ARG B 19 28.19 -6.58 -11.48
CA ARG B 19 27.83 -6.41 -12.88
C ARG B 19 26.50 -7.08 -13.16
N LEU B 20 25.57 -6.31 -13.72
CA LEU B 20 24.27 -6.83 -14.14
C LEU B 20 24.27 -7.09 -15.63
N SER B 21 23.41 -8.01 -16.06
CA SER B 21 23.27 -8.33 -17.48
C SER B 21 21.82 -8.14 -17.91
N CYS B 22 21.65 -7.85 -19.20
CA CYS B 22 20.32 -7.67 -19.79
C CYS B 22 20.30 -8.41 -21.13
N ALA B 23 19.69 -9.59 -21.15
CA ALA B 23 19.61 -10.41 -22.35
C ALA B 23 18.37 -10.02 -23.15
N ALA B 24 18.58 -9.64 -24.41
CA ALA B 24 17.49 -9.23 -25.29
C ALA B 24 17.13 -10.35 -26.25
N SER B 25 15.85 -10.41 -26.61
CA SER B 25 15.34 -11.42 -27.53
C SER B 25 14.20 -10.84 -28.34
N GLY B 26 14.12 -11.25 -29.61
CA GLY B 26 12.97 -10.96 -30.44
C GLY B 26 13.03 -9.69 -31.25
N TYR B 27 14.18 -9.02 -31.31
CA TYR B 27 14.30 -7.80 -32.10
C TYR B 27 15.77 -7.52 -32.37
N GLU B 28 16.02 -6.61 -33.29
CA GLU B 28 17.39 -6.20 -33.64
C GLU B 28 17.96 -5.40 -32.47
N PHE B 29 18.75 -6.09 -31.64
CA PHE B 29 19.26 -5.49 -30.41
C PHE B 29 20.21 -4.32 -30.67
N SER B 30 20.93 -4.37 -31.79
CA SER B 30 22.03 -3.43 -32.01
C SER B 30 21.56 -2.05 -32.45
N ARG B 31 20.35 -1.92 -32.99
CA ARG B 31 19.92 -0.66 -33.58
C ARG B 31 18.87 0.06 -32.74
N SER B 32 18.79 -0.26 -31.45
CA SER B 32 17.96 0.49 -30.51
C SER B 32 18.75 0.71 -29.23
N TRP B 33 18.61 1.89 -28.66
CA TRP B 33 19.25 2.17 -27.37
C TRP B 33 18.75 1.19 -26.32
N MET B 34 19.66 0.79 -25.42
CA MET B 34 19.31 0.01 -24.25
C MET B 34 19.60 0.83 -23.02
N ASN B 35 18.58 1.04 -22.18
CA ASN B 35 18.66 1.90 -21.00
C ASN B 35 18.71 1.06 -19.74
N TRP B 36 19.29 1.63 -18.69
CA TRP B 36 19.19 1.10 -17.34
C TRP B 36 18.40 2.09 -16.49
N VAL B 37 17.37 1.58 -15.82
CA VAL B 37 16.52 2.38 -14.95
C VAL B 37 16.38 1.64 -13.63
N ARG B 38 16.59 2.35 -12.52
CA ARG B 38 16.52 1.72 -11.22
C ARG B 38 15.41 2.34 -10.38
N GLN B 39 15.03 1.61 -9.33
CA GLN B 39 13.92 2.02 -8.48
C GLN B 39 14.18 1.46 -7.08
N ALA B 40 14.54 2.35 -6.16
CA ALA B 40 14.72 1.92 -4.78
C ALA B 40 13.38 1.45 -4.22
N PRO B 41 13.40 0.50 -3.26
CA PRO B 41 12.14 -0.02 -2.72
C PRO B 41 11.20 1.06 -2.24
N GLY B 42 9.99 1.08 -2.78
CA GLY B 42 9.00 2.08 -2.41
C GLY B 42 9.24 3.48 -2.94
N LYS B 43 10.25 3.68 -3.78
CA LYS B 43 10.59 5.00 -4.29
C LYS B 43 10.33 5.09 -5.79
N GLY B 44 10.72 6.22 -6.39
CA GLY B 44 10.44 6.48 -7.77
C GLY B 44 11.46 5.88 -8.72
N LEU B 45 11.18 6.03 -10.02
CA LEU B 45 12.08 5.58 -11.06
C LEU B 45 13.22 6.57 -11.25
N GLU B 46 14.41 6.05 -11.53
CA GLU B 46 15.60 6.87 -11.74
C GLU B 46 16.34 6.36 -12.96
N TRP B 47 16.51 7.24 -13.95
CA TRP B 47 17.24 6.87 -15.16
C TRP B 47 18.73 6.86 -14.88
N VAL B 48 19.39 5.76 -15.22
CA VAL B 48 20.82 5.59 -14.92
C VAL B 48 21.63 5.98 -16.14
N GLY B 49 21.35 5.34 -17.27
CA GLY B 49 22.06 5.63 -18.50
C GLY B 49 21.62 4.70 -19.60
N ARG B 50 22.30 4.81 -20.74
CA ARG B 50 21.95 4.00 -21.89
C ARG B 50 23.15 3.85 -22.81
N ILE B 51 23.08 2.82 -23.65
CA ILE B 51 24.10 2.54 -24.64
C ILE B 51 23.41 2.22 -25.96
N TYR B 52 24.05 2.64 -27.06
CA TYR B 52 23.64 2.21 -28.39
C TYR B 52 24.52 1.03 -28.76
N PRO B 53 24.01 -0.21 -28.72
CA PRO B 53 24.90 -1.37 -28.89
C PRO B 53 25.58 -1.44 -30.25
N GLY B 54 25.04 -0.78 -31.27
CA GLY B 54 25.63 -0.87 -32.60
C GLY B 54 27.04 -0.32 -32.66
N ASP B 55 27.30 0.78 -31.95
CA ASP B 55 28.61 1.40 -31.94
C ASP B 55 29.21 1.54 -30.54
N GLY B 56 28.52 1.05 -29.50
CA GLY B 56 29.03 1.16 -28.15
C GLY B 56 28.93 2.53 -27.54
N ASP B 57 28.20 3.46 -28.15
CA ASP B 57 28.09 4.81 -27.62
C ASP B 57 27.24 4.79 -26.34
N THR B 58 27.79 5.36 -25.27
CA THR B 58 27.13 5.37 -23.97
C THR B 58 26.76 6.79 -23.55
N GLN B 59 25.71 6.89 -22.73
CA GLN B 59 25.30 8.14 -22.13
C GLN B 59 24.88 7.88 -20.69
N TYR B 60 25.49 8.61 -19.76
CA TYR B 60 25.24 8.43 -18.34
C TYR B 60 24.66 9.69 -17.74
N SER B 61 23.68 9.52 -16.85
CA SER B 61 23.36 10.60 -15.93
C SER B 61 24.59 10.91 -15.10
N GLY B 62 24.95 12.20 -15.02
CA GLY B 62 26.21 12.59 -14.40
C GLY B 62 26.40 12.02 -13.01
N LYS B 63 25.30 11.72 -12.31
CA LYS B 63 25.37 11.13 -10.99
C LYS B 63 26.13 9.81 -10.98
N PHE B 64 26.13 9.08 -12.11
CA PHE B 64 26.75 7.76 -12.18
C PHE B 64 27.96 7.72 -13.09
N LYS B 65 28.33 8.84 -13.72
CA LYS B 65 29.39 8.81 -14.73
C LYS B 65 30.72 8.38 -14.13
N GLY B 66 30.91 8.58 -12.82
CA GLY B 66 32.19 8.24 -12.21
C GLY B 66 32.39 6.75 -12.02
N ARG B 67 31.38 6.08 -11.44
CA ARG B 67 31.57 4.72 -10.95
C ARG B 67 30.72 3.67 -11.65
N PHE B 68 29.82 4.05 -12.56
CA PHE B 68 29.04 3.10 -13.33
C PHE B 68 29.56 3.05 -14.76
N THR B 69 29.56 1.84 -15.34
CA THR B 69 29.97 1.64 -16.72
C THR B 69 28.98 0.73 -17.41
N ILE B 70 28.40 1.21 -18.52
CA ILE B 70 27.46 0.44 -19.32
C ILE B 70 28.18 -0.05 -20.57
N SER B 71 27.97 -1.32 -20.91
CA SER B 71 28.57 -1.91 -22.10
C SER B 71 27.55 -2.83 -22.76
N ALA B 72 27.91 -3.36 -23.93
CA ALA B 72 27.01 -4.23 -24.67
C ALA B 72 27.80 -5.16 -25.56
N ASP B 73 27.24 -6.35 -25.79
CA ASP B 73 27.83 -7.36 -26.66
C ASP B 73 26.77 -7.72 -27.69
N THR B 74 26.91 -7.17 -28.90
CA THR B 74 25.93 -7.43 -29.95
C THR B 74 25.97 -8.87 -30.45
N SER B 75 27.10 -9.57 -30.27
CA SER B 75 27.15 -10.98 -30.61
C SER B 75 26.32 -11.82 -29.63
N LYS B 76 26.02 -11.29 -28.45
CA LYS B 76 25.22 -11.99 -27.46
C LYS B 76 23.86 -11.34 -27.22
N ASN B 77 23.56 -10.24 -27.92
CA ASN B 77 22.31 -9.50 -27.72
C ASN B 77 22.12 -9.14 -26.25
N THR B 78 23.19 -8.69 -25.61
CA THR B 78 23.21 -8.47 -24.17
C THR B 78 23.87 -7.13 -23.86
N ALA B 79 23.32 -6.44 -22.87
CA ALA B 79 23.92 -5.22 -22.32
C ALA B 79 24.28 -5.47 -20.86
N TYR B 80 25.21 -4.65 -20.35
CA TYR B 80 25.75 -4.82 -19.01
C TYR B 80 25.74 -3.51 -18.25
N LEU B 81 25.66 -3.60 -16.93
CA LEU B 81 25.81 -2.45 -16.04
C LEU B 81 26.79 -2.84 -14.94
N GLN B 82 28.01 -2.32 -15.03
CA GLN B 82 29.03 -2.54 -14.02
C GLN B 82 28.99 -1.40 -13.02
N MET B 83 28.75 -1.71 -11.76
CA MET B 83 28.63 -0.71 -10.71
C MET B 83 29.75 -0.89 -9.71
N ASN B 84 30.45 0.21 -9.40
CA ASN B 84 31.56 0.20 -8.46
C ASN B 84 31.24 1.08 -7.27
N SER B 85 31.95 0.82 -6.17
CA SER B 85 31.85 1.62 -4.95
C SER B 85 30.40 1.76 -4.51
N LEU B 86 29.70 0.64 -4.45
CA LEU B 86 28.28 0.66 -4.14
C LEU B 86 28.04 1.14 -2.72
N ARG B 87 26.96 1.90 -2.54
CA ARG B 87 26.53 2.38 -1.25
C ARG B 87 25.12 1.89 -0.99
N ALA B 88 24.70 1.99 0.28
CA ALA B 88 23.36 1.54 0.66
C ALA B 88 22.28 2.19 -0.20
N GLU B 89 22.46 3.46 -0.54
CA GLU B 89 21.49 4.19 -1.35
C GLU B 89 21.45 3.72 -2.80
N ASP B 90 22.34 2.82 -3.21
CA ASP B 90 22.25 2.19 -4.52
C ASP B 90 21.34 0.97 -4.52
N THR B 91 20.84 0.55 -3.35
CA THR B 91 19.91 -0.56 -3.28
C THR B 91 18.65 -0.24 -4.07
N ALA B 92 18.30 -1.10 -5.02
CA ALA B 92 17.18 -0.85 -5.92
C ALA B 92 16.95 -2.07 -6.78
N VAL B 93 15.77 -2.13 -7.38
CA VAL B 93 15.53 -3.01 -8.52
C VAL B 93 16.06 -2.32 -9.76
N TYR B 94 16.89 -3.01 -10.52
CA TYR B 94 17.50 -2.45 -11.73
C TYR B 94 16.83 -3.07 -12.95
N TYR B 95 16.22 -2.22 -13.77
CA TYR B 95 15.60 -2.62 -15.02
C TYR B 95 16.48 -2.23 -16.20
N CYS B 96 16.43 -3.04 -17.25
CA CYS B 96 16.87 -2.60 -18.56
C CYS B 96 15.65 -2.37 -19.43
N ALA B 97 15.70 -1.32 -20.26
CA ALA B 97 14.55 -0.92 -21.05
C ALA B 97 15.03 -0.42 -22.41
N ARG B 98 14.45 -0.98 -23.46
CA ARG B 98 14.68 -0.50 -24.82
C ARG B 98 13.95 0.82 -25.04
N ASP B 99 14.53 1.70 -25.85
CA ASP B 99 13.81 2.90 -26.26
C ASP B 99 13.85 3.01 -27.78
N GLY B 100 12.97 3.87 -28.30
CA GLY B 100 12.98 4.23 -29.70
C GLY B 100 13.03 5.74 -29.85
N SER B 101 13.90 6.37 -29.06
CA SER B 101 13.93 7.82 -28.92
C SER B 101 14.21 8.54 -30.24
N SER B 102 14.88 7.90 -31.18
CA SER B 102 15.07 8.50 -32.50
C SER B 102 13.77 8.59 -33.27
N TRP B 103 12.73 7.87 -32.85
CA TRP B 103 11.46 7.86 -33.55
C TRP B 103 10.47 8.66 -32.71
N ASP B 104 9.62 8.01 -31.91
CA ASP B 104 8.51 8.72 -31.27
C ASP B 104 8.40 8.53 -29.77
N TRP B 105 9.06 7.54 -29.17
CA TRP B 105 8.86 7.27 -27.76
C TRP B 105 10.11 6.65 -27.17
N TYR B 106 10.16 6.58 -25.84
CA TYR B 106 11.30 5.98 -25.17
C TYR B 106 11.01 4.54 -24.77
N PHE B 107 10.88 4.28 -23.47
CA PHE B 107 10.94 2.93 -22.94
C PHE B 107 9.70 2.11 -23.24
N ASP B 108 9.69 1.41 -24.38
CA ASP B 108 8.53 0.61 -24.77
C ASP B 108 8.63 -0.84 -24.32
N VAL B 109 9.83 -1.35 -24.05
CA VAL B 109 10.02 -2.74 -23.62
C VAL B 109 10.90 -2.74 -22.38
N TRP B 110 10.42 -3.39 -21.32
CA TRP B 110 11.12 -3.45 -20.04
C TRP B 110 11.39 -4.90 -19.66
N GLY B 111 12.53 -5.12 -18.99
CA GLY B 111 12.75 -6.38 -18.33
C GLY B 111 12.02 -6.47 -17.01
N GLN B 112 12.06 -7.65 -16.39
CA GLN B 112 11.36 -7.86 -15.14
C GLN B 112 12.08 -7.19 -13.96
N GLY B 113 13.34 -6.84 -14.13
CA GLY B 113 14.11 -6.21 -13.06
C GLY B 113 14.85 -7.22 -12.21
N THR B 114 15.97 -6.78 -11.67
CA THR B 114 16.78 -7.59 -10.78
C THR B 114 17.16 -6.77 -9.56
N LEU B 115 17.08 -7.38 -8.38
CA LEU B 115 17.23 -6.66 -7.12
C LEU B 115 18.69 -6.66 -6.68
N VAL B 116 19.23 -5.47 -6.47
CA VAL B 116 20.57 -5.28 -5.92
C VAL B 116 20.40 -4.71 -4.51
N THR B 117 20.89 -5.44 -3.52
CA THR B 117 20.86 -5.01 -2.13
C THR B 117 22.28 -4.70 -1.70
N VAL B 118 22.52 -3.47 -1.25
CA VAL B 118 23.84 -3.07 -0.76
C VAL B 118 23.71 -2.87 0.74
N SER B 119 24.31 -3.79 1.50
CA SER B 119 24.16 -3.77 2.95
C SER B 119 25.30 -4.54 3.59
N SER B 120 25.63 -4.16 4.82
CA SER B 120 26.58 -4.91 5.63
C SER B 120 25.95 -6.15 6.25
N ALA B 121 24.63 -6.29 6.18
CA ALA B 121 23.98 -7.52 6.61
C ALA B 121 24.39 -8.67 5.72
N SER B 122 24.55 -9.85 6.32
CA SER B 122 24.92 -11.04 5.59
C SER B 122 23.69 -11.89 5.26
N THR B 123 23.84 -12.76 4.28
CA THR B 123 22.77 -13.67 3.89
C THR B 123 22.37 -14.54 5.09
N LYS B 124 21.06 -14.62 5.34
CA LYS B 124 20.57 -15.39 6.47
C LYS B 124 19.15 -15.86 6.17
N GLY B 125 18.90 -17.15 6.40
CA GLY B 125 17.58 -17.71 6.26
C GLY B 125 16.69 -17.38 7.44
N PRO B 126 15.39 -17.31 7.21
CA PRO B 126 14.47 -16.91 8.27
C PRO B 126 14.24 -18.01 9.28
N SER B 127 13.90 -17.59 10.49
CA SER B 127 13.23 -18.46 11.45
C SER B 127 11.73 -18.39 11.17
N VAL B 128 11.05 -19.52 11.26
CA VAL B 128 9.63 -19.61 10.95
C VAL B 128 8.90 -20.07 12.20
N PHE B 129 7.97 -19.24 12.67
CA PHE B 129 7.22 -19.54 13.87
C PHE B 129 5.73 -19.51 13.58
N PRO B 130 4.95 -20.38 14.21
CA PRO B 130 3.51 -20.39 13.95
C PRO B 130 2.83 -19.20 14.61
N LEU B 131 1.78 -18.72 13.94
CA LEU B 131 0.84 -17.76 14.50
C LEU B 131 -0.45 -18.54 14.74
N ALA B 132 -0.59 -19.06 15.97
CA ALA B 132 -1.58 -20.10 16.27
C ALA B 132 -2.97 -19.50 16.41
N PRO B 133 -3.98 -20.12 15.82
CA PRO B 133 -5.36 -19.63 15.97
C PRO B 133 -5.88 -19.91 17.37
N SER B 134 -6.58 -18.92 17.93
CA SER B 134 -7.13 -19.05 19.28
C SER B 134 -8.65 -19.21 19.22
N GLY B 141 -17.44 -16.31 12.55
CA GLY B 141 -17.13 -17.71 12.34
C GLY B 141 -15.88 -17.94 11.52
N THR B 142 -15.02 -16.93 11.47
CA THR B 142 -13.75 -17.01 10.74
C THR B 142 -12.60 -16.92 11.71
N ALA B 143 -11.60 -17.76 11.52
CA ALA B 143 -10.38 -17.75 12.30
C ALA B 143 -9.23 -17.22 11.45
N ALA B 144 -8.22 -16.67 12.11
CA ALA B 144 -7.00 -16.26 11.45
C ALA B 144 -5.83 -17.06 12.02
N LEU B 145 -4.91 -17.43 11.13
CA LEU B 145 -3.70 -18.13 11.53
C LEU B 145 -2.60 -17.70 10.56
N GLY B 146 -1.37 -18.05 10.89
CA GLY B 146 -0.29 -17.61 10.03
C GLY B 146 1.05 -18.12 10.47
N CYS B 147 2.08 -17.55 9.85
CA CYS B 147 3.46 -17.87 10.13
C CYS B 147 4.25 -16.57 10.21
N LEU B 148 5.11 -16.49 11.23
CA LEU B 148 6.04 -15.37 11.36
C LEU B 148 7.36 -15.77 10.71
N VAL B 149 7.79 -15.00 9.73
CA VAL B 149 8.99 -15.27 8.95
C VAL B 149 10.02 -14.20 9.29
N LYS B 150 10.88 -14.49 10.27
CA LYS B 150 11.63 -13.48 10.99
C LYS B 150 13.14 -13.62 10.79
N ASP B 151 13.81 -12.46 10.67
CA ASP B 151 15.27 -12.36 10.70
C ASP B 151 15.91 -13.06 9.50
N TYR B 152 15.56 -12.60 8.31
CA TYR B 152 16.18 -13.09 7.08
C TYR B 152 16.76 -11.92 6.30
N PHE B 153 17.71 -12.25 5.41
CA PHE B 153 18.34 -11.25 4.56
C PHE B 153 19.04 -11.96 3.42
N PRO B 154 19.00 -11.42 2.20
CA PRO B 154 18.20 -10.25 1.83
C PRO B 154 16.82 -10.65 1.37
N GLU B 155 16.07 -9.71 0.80
CA GLU B 155 14.87 -10.06 0.07
C GLU B 155 15.24 -10.92 -1.14
N PRO B 156 14.32 -11.75 -1.64
CA PRO B 156 12.95 -11.98 -1.16
C PRO B 156 12.73 -13.32 -0.48
N VAL B 157 11.56 -13.47 0.14
CA VAL B 157 11.04 -14.76 0.57
C VAL B 157 9.70 -14.98 -0.11
N THR B 158 9.33 -16.25 -0.22
CA THR B 158 7.98 -16.63 -0.64
C THR B 158 7.35 -17.50 0.44
N VAL B 159 6.04 -17.36 0.59
CA VAL B 159 5.26 -18.17 1.50
C VAL B 159 4.07 -18.72 0.72
N SER B 160 3.89 -20.04 0.78
CA SER B 160 2.67 -20.66 0.29
C SER B 160 1.97 -21.32 1.47
N TRP B 161 0.73 -21.73 1.25
CA TRP B 161 -0.05 -22.41 2.27
C TRP B 161 -0.55 -23.73 1.71
N ASN B 162 -0.34 -24.80 2.48
CA ASN B 162 -0.74 -26.15 2.09
C ASN B 162 -0.22 -26.49 0.68
N SER B 163 1.05 -26.15 0.47
CA SER B 163 1.75 -26.44 -0.79
C SER B 163 1.03 -25.83 -1.98
N GLY B 164 0.49 -24.63 -1.79
CA GLY B 164 -0.20 -23.92 -2.84
C GLY B 164 -1.67 -24.25 -2.99
N ALA B 165 -2.20 -25.21 -2.23
CA ALA B 165 -3.61 -25.57 -2.32
C ALA B 165 -4.51 -24.57 -1.62
N LEU B 166 -3.96 -23.74 -0.74
CA LEU B 166 -4.71 -22.72 -0.01
C LEU B 166 -4.21 -21.36 -0.47
N THR B 167 -5.04 -20.64 -1.23
CA THR B 167 -4.70 -19.32 -1.73
C THR B 167 -5.69 -18.24 -1.34
N SER B 168 -6.97 -18.57 -1.22
CA SER B 168 -7.97 -17.57 -0.85
C SER B 168 -7.71 -17.07 0.57
N GLY B 169 -7.84 -15.75 0.76
CA GLY B 169 -7.71 -15.16 2.07
C GLY B 169 -6.30 -15.06 2.60
N VAL B 170 -5.29 -15.37 1.80
CA VAL B 170 -3.90 -15.30 2.24
C VAL B 170 -3.41 -13.87 2.09
N HIS B 171 -2.74 -13.37 3.13
CA HIS B 171 -2.04 -12.08 3.07
C HIS B 171 -0.61 -12.31 3.54
N THR B 172 0.35 -12.17 2.62
CA THR B 172 1.76 -12.19 2.96
C THR B 172 2.23 -10.74 3.01
N PHE B 173 2.57 -10.27 4.21
CA PHE B 173 2.81 -8.85 4.39
C PHE B 173 4.16 -8.44 3.79
N PRO B 174 4.24 -7.22 3.27
CA PRO B 174 5.55 -6.69 2.84
C PRO B 174 6.56 -6.75 3.97
N ALA B 175 7.77 -7.17 3.63
CA ALA B 175 8.84 -7.23 4.63
C ALA B 175 9.15 -5.84 5.15
N VAL B 176 9.48 -5.76 6.43
CA VAL B 176 9.93 -4.53 7.06
C VAL B 176 11.30 -4.78 7.67
N LEU B 177 12.22 -3.85 7.45
CA LEU B 177 13.55 -3.97 8.01
C LEU B 177 13.52 -3.69 9.51
N GLN B 178 14.03 -4.62 10.30
CA GLN B 178 14.12 -4.45 11.74
C GLN B 178 15.35 -3.62 12.09
N SER B 179 15.45 -3.24 13.37
CA SER B 179 16.60 -2.49 13.84
C SER B 179 17.89 -3.30 13.71
N SER B 180 17.79 -4.62 13.68
CA SER B 180 18.94 -5.49 13.47
C SER B 180 19.44 -5.44 12.03
N GLY B 181 18.74 -4.77 11.13
CA GLY B 181 19.08 -4.78 9.72
C GLY B 181 18.60 -6.01 8.97
N LEU B 182 17.80 -6.87 9.61
CA LEU B 182 17.24 -8.04 8.98
C LEU B 182 15.75 -7.83 8.73
N TYR B 183 15.23 -8.49 7.71
CA TYR B 183 13.82 -8.39 7.38
C TYR B 183 13.00 -9.33 8.25
N SER B 184 11.72 -9.02 8.37
CA SER B 184 10.76 -9.91 9.00
C SER B 184 9.39 -9.62 8.42
N LEU B 185 8.59 -10.67 8.27
CA LEU B 185 7.21 -10.50 7.83
C LEU B 185 6.36 -11.62 8.43
N SER B 186 5.06 -11.43 8.39
CA SER B 186 4.11 -12.49 8.66
C SER B 186 3.30 -12.79 7.41
N SER B 187 2.93 -14.04 7.25
CA SER B 187 1.95 -14.47 6.26
C SER B 187 0.75 -15.01 7.02
N VAL B 188 -0.44 -14.50 6.71
CA VAL B 188 -1.63 -14.89 7.44
C VAL B 188 -2.69 -15.37 6.44
N VAL B 189 -3.68 -16.09 6.97
CA VAL B 189 -4.81 -16.55 6.18
C VAL B 189 -6.00 -16.65 7.12
N THR B 190 -7.18 -16.30 6.60
CA THR B 190 -8.42 -16.48 7.32
C THR B 190 -9.13 -17.72 6.79
N VAL B 191 -9.63 -18.54 7.71
CA VAL B 191 -10.29 -19.81 7.40
C VAL B 191 -11.54 -19.93 8.25
N PRO B 192 -12.45 -20.83 7.86
CA PRO B 192 -13.60 -21.10 8.72
C PRO B 192 -13.17 -21.66 10.07
N SER B 193 -13.75 -21.08 11.14
CA SER B 193 -13.44 -21.56 12.48
C SER B 193 -13.81 -23.02 12.66
N SER B 194 -14.86 -23.48 11.97
CA SER B 194 -15.27 -24.87 12.06
C SER B 194 -14.28 -25.83 11.43
N SER B 195 -13.28 -25.33 10.70
CA SER B 195 -12.30 -26.18 10.04
C SER B 195 -11.05 -26.43 10.87
N LEU B 196 -10.87 -25.68 11.96
CA LEU B 196 -9.59 -25.73 12.68
C LEU B 196 -9.32 -27.10 13.27
N GLY B 197 -10.37 -27.85 13.62
CA GLY B 197 -10.16 -29.15 14.25
C GLY B 197 -9.78 -30.25 13.30
N THR B 198 -10.23 -30.17 12.04
CA THR B 198 -10.08 -31.26 11.09
C THR B 198 -9.28 -30.90 9.85
N GLN B 199 -8.84 -29.65 9.70
CA GLN B 199 -8.04 -29.22 8.56
C GLN B 199 -6.64 -28.85 9.03
N THR B 200 -5.63 -29.38 8.35
CA THR B 200 -4.24 -29.08 8.65
C THR B 200 -3.78 -27.87 7.85
N TYR B 201 -3.09 -26.95 8.51
CA TYR B 201 -2.58 -25.74 7.89
C TYR B 201 -1.06 -25.71 8.05
N ILE B 202 -0.36 -25.62 6.92
CA ILE B 202 1.10 -25.64 6.88
C ILE B 202 1.55 -24.51 5.98
N CYS B 203 2.47 -23.68 6.46
CA CYS B 203 3.08 -22.66 5.63
C CYS B 203 4.40 -23.19 5.08
N ASN B 204 4.62 -22.98 3.78
CA ASN B 204 5.84 -23.41 3.12
C ASN B 204 6.64 -22.15 2.78
N VAL B 205 7.75 -21.96 3.47
CA VAL B 205 8.58 -20.77 3.36
C VAL B 205 9.81 -21.12 2.53
N ASN B 206 10.13 -20.28 1.55
CA ASN B 206 11.31 -20.47 0.72
C ASN B 206 12.09 -19.15 0.69
N HIS B 207 13.34 -19.19 1.13
CA HIS B 207 14.27 -18.06 1.03
C HIS B 207 15.41 -18.53 0.12
N LYS B 208 15.26 -18.26 -1.17
CA LYS B 208 16.25 -18.67 -2.17
C LYS B 208 17.67 -18.24 -1.84
N PRO B 209 17.95 -16.99 -1.43
CA PRO B 209 19.37 -16.59 -1.23
C PRO B 209 20.13 -17.47 -0.25
N SER B 210 19.45 -18.06 0.73
CA SER B 210 20.10 -18.92 1.71
C SER B 210 19.77 -20.39 1.51
N ASN B 211 19.05 -20.74 0.43
CA ASN B 211 18.59 -22.10 0.17
C ASN B 211 17.73 -22.64 1.32
N THR B 212 17.08 -21.74 2.06
CA THR B 212 16.24 -22.16 3.18
C THR B 212 14.87 -22.58 2.68
N LYS B 213 14.43 -23.77 3.09
CA LYS B 213 13.07 -24.24 2.85
C LYS B 213 12.54 -24.77 4.17
N VAL B 214 11.41 -24.21 4.63
CA VAL B 214 10.83 -24.58 5.91
C VAL B 214 9.34 -24.79 5.73
N ASP B 215 8.85 -25.96 6.13
CA ASP B 215 7.43 -26.21 6.29
C ASP B 215 7.10 -26.13 7.78
N LYS B 216 6.10 -25.32 8.12
CA LYS B 216 5.73 -25.11 9.53
C LYS B 216 4.26 -25.44 9.70
N ARG B 217 3.99 -26.49 10.46
CA ARG B 217 2.62 -26.84 10.82
C ARG B 217 2.09 -25.81 11.82
N VAL B 218 0.91 -25.25 11.54
CA VAL B 218 0.32 -24.22 12.38
C VAL B 218 -0.90 -24.84 13.05
N GLU B 219 -0.80 -25.09 14.35
CA GLU B 219 -1.84 -25.81 15.06
C GLU B 219 -2.57 -24.91 16.04
N PRO B 220 -3.88 -25.13 16.23
CA PRO B 220 -4.73 -24.33 17.14
C PRO B 220 -4.24 -24.33 18.58
N ASP C 1 18.98 17.76 -14.30
CA ASP C 1 18.81 19.19 -14.15
C ASP C 1 17.34 19.59 -14.24
N ILE C 2 16.63 19.04 -15.23
CA ILE C 2 15.21 19.34 -15.37
C ILE C 2 14.43 18.60 -14.30
N GLN C 3 13.69 19.34 -13.48
CA GLN C 3 12.90 18.76 -12.42
C GLN C 3 11.49 18.51 -12.89
N MET C 4 10.98 17.30 -12.64
CA MET C 4 9.63 16.90 -13.02
C MET C 4 8.83 16.69 -11.73
N THR C 5 7.78 17.50 -11.56
CA THR C 5 6.97 17.49 -10.35
C THR C 5 5.53 17.16 -10.70
N GLN C 6 5.02 16.08 -10.10
CA GLN C 6 3.66 15.63 -10.36
C GLN C 6 2.73 16.09 -9.23
N SER C 7 1.45 16.28 -9.58
CA SER C 7 0.43 16.69 -8.63
C SER C 7 -0.86 15.95 -8.96
N PRO C 8 -1.51 15.32 -7.97
CA PRO C 8 -1.02 15.17 -6.60
C PRO C 8 0.01 14.07 -6.48
N SER C 9 0.61 13.90 -5.29
CA SER C 9 1.52 12.79 -5.08
C SER C 9 0.78 11.47 -4.90
N SER C 10 -0.47 11.54 -4.46
CA SER C 10 -1.29 10.36 -4.24
C SER C 10 -2.75 10.75 -4.39
N LEU C 11 -3.57 9.78 -4.78
CA LEU C 11 -5.00 10.04 -5.01
C LEU C 11 -5.76 8.73 -4.86
N SER C 12 -6.91 8.81 -4.21
CA SER C 12 -7.85 7.70 -4.13
C SER C 12 -9.15 8.15 -4.78
N ALA C 13 -9.50 7.52 -5.90
CA ALA C 13 -10.68 7.86 -6.67
C ALA C 13 -11.57 6.65 -6.82
N SER C 14 -12.86 6.89 -6.96
CA SER C 14 -13.81 5.81 -7.15
C SER C 14 -13.82 5.34 -8.59
N VAL C 15 -14.15 4.06 -8.79
CA VAL C 15 -14.32 3.54 -10.14
C VAL C 15 -15.38 4.37 -10.84
N GLY C 16 -15.09 4.76 -12.08
CA GLY C 16 -15.95 5.64 -12.84
C GLY C 16 -15.61 7.11 -12.75
N ASP C 17 -14.73 7.50 -11.83
CA ASP C 17 -14.38 8.91 -11.66
C ASP C 17 -13.46 9.39 -12.78
N ARG C 18 -13.55 10.68 -13.06
CA ARG C 18 -12.57 11.33 -13.91
C ARG C 18 -11.33 11.67 -13.10
N VAL C 19 -10.17 11.22 -13.56
CA VAL C 19 -8.92 11.41 -12.84
C VAL C 19 -8.00 12.27 -13.69
N THR C 20 -7.42 13.30 -13.08
CA THR C 20 -6.46 14.16 -13.74
C THR C 20 -5.19 14.25 -12.89
N ILE C 21 -4.06 13.94 -13.50
CA ILE C 21 -2.75 14.08 -12.88
C ILE C 21 -1.95 15.08 -13.70
N THR C 22 -1.34 16.05 -13.02
CA THR C 22 -0.55 17.07 -13.70
C THR C 22 0.94 16.82 -13.51
N CYS C 23 1.71 17.20 -14.52
CA CYS C 23 3.17 17.09 -14.49
C CYS C 23 3.76 18.43 -14.88
N ARG C 24 4.63 18.97 -14.02
CA ARG C 24 5.20 20.30 -14.20
C ARG C 24 6.71 20.18 -14.31
N SER C 25 7.27 20.67 -15.40
CA SER C 25 8.71 20.62 -15.63
C SER C 25 9.33 21.96 -15.27
N SER C 26 10.52 21.91 -14.68
CA SER C 26 11.18 23.14 -14.21
C SER C 26 11.63 24.01 -15.38
N GLN C 27 11.88 23.40 -16.53
CA GLN C 27 12.21 24.12 -17.75
C GLN C 27 11.29 23.64 -18.87
N SER C 28 11.04 24.51 -19.84
CA SER C 28 10.21 24.12 -20.97
C SER C 28 10.89 23.03 -21.78
N ILE C 29 10.14 21.99 -22.11
CA ILE C 29 10.65 20.88 -22.92
C ILE C 29 9.98 20.86 -24.30
N VAL C 30 9.45 21.99 -24.75
CA VAL C 30 8.77 22.06 -26.03
C VAL C 30 9.79 22.17 -27.17
N PHE C 37 9.01 15.44 -26.18
CA PHE C 37 9.12 14.09 -25.63
C PHE C 37 8.71 14.03 -24.17
N LEU C 38 7.42 14.23 -23.91
CA LEU C 38 6.84 14.01 -22.59
C LEU C 38 6.00 12.75 -22.64
N GLU C 39 6.22 11.85 -21.69
CA GLU C 39 5.59 10.54 -21.68
C GLU C 39 4.98 10.27 -20.31
N TRP C 40 4.04 9.32 -20.29
CA TRP C 40 3.42 8.86 -19.06
C TRP C 40 3.57 7.35 -18.96
N TYR C 41 4.01 6.87 -17.80
CA TYR C 41 4.18 5.46 -17.56
C TYR C 41 3.26 5.01 -16.43
N GLN C 42 2.81 3.76 -16.52
CA GLN C 42 1.94 3.15 -15.53
C GLN C 42 2.65 1.94 -14.94
N GLN C 43 2.77 1.89 -13.61
CA GLN C 43 3.48 0.81 -12.95
C GLN C 43 2.59 0.17 -11.90
N LYS C 44 2.23 -1.10 -12.13
CA LYS C 44 1.57 -1.88 -11.11
C LYS C 44 2.58 -2.26 -10.02
N PRO C 45 2.12 -2.48 -8.79
CA PRO C 45 3.03 -2.91 -7.72
C PRO C 45 3.74 -4.20 -8.08
N GLY C 46 5.05 -4.21 -7.87
CA GLY C 46 5.86 -5.38 -8.18
C GLY C 46 6.02 -5.67 -9.66
N LYS C 47 5.70 -4.72 -10.53
CA LYS C 47 5.81 -4.90 -11.97
C LYS C 47 6.67 -3.79 -12.57
N ALA C 48 7.12 -4.02 -13.79
CA ALA C 48 7.86 -2.99 -14.51
C ALA C 48 6.89 -1.95 -15.06
N PRO C 49 7.35 -0.71 -15.26
CA PRO C 49 6.47 0.31 -15.81
C PRO C 49 6.08 -0.02 -17.25
N LYS C 50 4.93 0.50 -17.65
CA LYS C 50 4.41 0.31 -19.00
C LYS C 50 4.15 1.67 -19.63
N LEU C 51 4.60 1.83 -20.88
CA LEU C 51 4.38 3.08 -21.59
C LEU C 51 2.91 3.25 -21.90
N LEU C 52 2.32 4.35 -21.42
CA LEU C 52 0.93 4.70 -21.66
C LEU C 52 0.77 5.79 -22.72
N ILE C 53 1.44 6.91 -22.52
CA ILE C 53 1.31 8.09 -23.39
C ILE C 53 2.70 8.48 -23.87
N TYR C 54 2.82 8.84 -25.14
CA TYR C 54 4.08 9.33 -25.68
C TYR C 54 3.84 10.59 -26.48
N LYS C 55 4.85 11.44 -26.54
CA LYS C 55 4.78 12.75 -27.20
C LYS C 55 3.52 13.51 -26.78
N VAL C 56 3.34 13.61 -25.46
CA VAL C 56 2.32 14.45 -24.81
C VAL C 56 0.93 13.82 -24.90
N SER C 57 0.49 13.47 -26.12
CA SER C 57 -0.92 13.15 -26.31
C SER C 57 -1.17 11.89 -27.13
N ASN C 58 -0.18 11.02 -27.33
CA ASN C 58 -0.36 9.84 -28.16
C ASN C 58 -0.43 8.60 -27.29
N ARG C 59 -1.53 7.86 -27.39
CA ARG C 59 -1.66 6.61 -26.66
C ARG C 59 -0.79 5.53 -27.29
N PHE C 60 -0.04 4.81 -26.47
CA PHE C 60 0.72 3.68 -26.95
C PHE C 60 -0.23 2.57 -27.41
N SER C 61 0.33 1.63 -28.17
CA SER C 61 -0.50 0.57 -28.77
C SER C 61 -1.14 -0.28 -27.67
N GLY C 62 -2.47 -0.41 -27.75
CA GLY C 62 -3.22 -1.20 -26.80
C GLY C 62 -3.74 -0.44 -25.61
N VAL C 63 -3.35 0.83 -25.45
CA VAL C 63 -3.81 1.62 -24.30
C VAL C 63 -5.26 2.04 -24.54
N PRO C 64 -6.16 1.80 -23.58
CA PRO C 64 -7.57 2.15 -23.77
C PRO C 64 -7.76 3.65 -23.98
N SER C 65 -8.85 3.99 -24.68
CA SER C 65 -9.10 5.38 -25.06
C SER C 65 -9.40 6.26 -23.86
N ARG C 66 -9.71 5.68 -22.70
CA ARG C 66 -9.98 6.50 -21.52
C ARG C 66 -8.75 7.27 -21.06
N PHE C 67 -7.55 6.80 -21.40
CA PHE C 67 -6.33 7.54 -21.10
C PHE C 67 -6.08 8.58 -22.18
N SER C 68 -5.79 9.81 -21.77
CA SER C 68 -5.43 10.87 -22.71
C SER C 68 -4.43 11.80 -22.05
N GLY C 69 -3.57 12.39 -22.87
CA GLY C 69 -2.57 13.33 -22.39
C GLY C 69 -2.69 14.66 -23.11
N SER C 70 -2.28 15.72 -22.43
CA SER C 70 -2.35 17.06 -22.98
C SER C 70 -1.29 17.93 -22.32
N GLY C 71 -1.23 19.19 -22.73
CA GLY C 71 -0.31 20.15 -22.18
C GLY C 71 0.74 20.59 -23.20
N SER C 72 1.59 21.51 -22.75
CA SER C 72 2.67 22.05 -23.58
C SER C 72 3.60 22.85 -22.69
N GLY C 73 4.84 23.03 -23.17
CA GLY C 73 5.81 23.85 -22.48
C GLY C 73 6.29 23.26 -21.17
N THR C 74 5.67 23.68 -20.07
CA THR C 74 6.04 23.20 -18.75
C THR C 74 4.92 22.52 -17.99
N ASP C 75 3.68 22.57 -18.49
CA ASP C 75 2.53 22.05 -17.76
C ASP C 75 1.83 20.99 -18.59
N PHE C 76 1.66 19.81 -18.01
CA PHE C 76 1.12 18.66 -18.73
C PHE C 76 0.16 17.91 -17.83
N THR C 77 -0.78 17.19 -18.46
CA THR C 77 -1.85 16.53 -17.73
C THR C 77 -2.13 15.17 -18.33
N LEU C 78 -2.19 14.15 -17.46
CA LEU C 78 -2.71 12.84 -17.81
C LEU C 78 -4.14 12.74 -17.30
N THR C 79 -5.06 12.33 -18.18
CA THR C 79 -6.48 12.27 -17.83
C THR C 79 -6.99 10.85 -18.03
N ILE C 80 -7.68 10.34 -17.01
CA ILE C 80 -8.45 9.10 -17.12
C ILE C 80 -9.91 9.50 -17.07
N SER C 81 -10.62 9.32 -18.18
CA SER C 81 -11.98 9.82 -18.30
C SER C 81 -12.94 9.06 -17.40
N SER C 82 -12.71 7.76 -17.19
CA SER C 82 -13.56 6.94 -16.33
C SER C 82 -12.66 5.87 -15.71
N LEU C 83 -12.29 6.07 -14.45
CA LEU C 83 -11.36 5.16 -13.78
C LEU C 83 -11.96 3.75 -13.71
N GLN C 84 -11.19 2.77 -14.16
CA GLN C 84 -11.59 1.38 -14.16
C GLN C 84 -10.90 0.62 -13.05
N PRO C 85 -11.48 -0.49 -12.58
CA PRO C 85 -10.88 -1.22 -11.44
C PRO C 85 -9.43 -1.63 -11.67
N GLU C 86 -9.03 -1.85 -12.92
CA GLU C 86 -7.67 -2.26 -13.24
C GLU C 86 -6.71 -1.09 -13.45
N ASP C 87 -7.16 0.14 -13.19
CA ASP C 87 -6.32 1.31 -13.44
C ASP C 87 -5.54 1.74 -12.21
N PHE C 88 -5.67 1.05 -11.08
CA PHE C 88 -4.85 1.38 -9.92
C PHE C 88 -3.38 1.11 -10.25
N ALA C 89 -2.53 2.08 -9.96
CA ALA C 89 -1.11 2.01 -10.25
C ALA C 89 -0.47 3.30 -9.77
N THR C 90 0.85 3.34 -9.84
CA THR C 90 1.58 4.59 -9.71
C THR C 90 1.92 5.08 -11.11
N TYR C 91 1.57 6.33 -11.40
CA TYR C 91 1.78 6.92 -12.71
C TYR C 91 2.95 7.89 -12.66
N TYR C 92 3.84 7.78 -13.64
CA TYR C 92 5.04 8.61 -13.73
C TYR C 92 5.01 9.37 -15.03
N CYS C 93 5.29 10.67 -14.96
CA CYS C 93 5.65 11.37 -16.18
C CYS C 93 7.15 11.30 -16.38
N PHE C 94 7.58 11.54 -17.61
CA PHE C 94 8.97 11.37 -17.99
C PHE C 94 9.26 12.33 -19.13
N GLN C 95 10.42 13.00 -19.07
CA GLN C 95 10.86 13.87 -20.15
C GLN C 95 12.10 13.27 -20.80
N GLY C 96 12.06 13.15 -22.12
CA GLY C 96 13.20 12.70 -22.88
C GLY C 96 13.67 13.76 -23.86
N SER C 97 13.41 15.03 -23.52
CA SER C 97 13.77 16.14 -24.40
C SER C 97 15.14 16.69 -24.10
N GLN C 98 15.59 16.66 -22.85
CA GLN C 98 16.84 17.28 -22.44
C GLN C 98 17.63 16.32 -21.56
N PHE C 99 18.92 16.20 -21.85
CA PHE C 99 19.81 15.33 -21.11
C PHE C 99 20.27 16.02 -19.83
N PRO C 100 20.27 15.32 -18.68
CA PRO C 100 19.82 13.93 -18.51
C PRO C 100 18.31 13.80 -18.35
N TYR C 101 17.78 12.67 -18.79
CA TYR C 101 16.33 12.47 -18.80
C TYR C 101 15.86 12.10 -17.41
N THR C 102 14.68 12.62 -17.03
CA THR C 102 14.22 12.54 -15.65
C THR C 102 12.77 12.11 -15.59
N PHE C 103 12.45 11.37 -14.53
CA PHE C 103 11.09 10.96 -14.21
C PHE C 103 10.47 11.91 -13.18
N GLY C 104 9.16 12.06 -13.25
CA GLY C 104 8.43 12.62 -12.13
C GLY C 104 8.54 11.71 -10.91
N GLN C 105 8.10 12.23 -9.77
CA GLN C 105 8.19 11.45 -8.54
C GLN C 105 7.11 10.38 -8.43
N GLY C 106 6.13 10.38 -9.32
CA GLY C 106 5.09 9.37 -9.30
C GLY C 106 3.84 9.85 -8.60
N THR C 107 2.70 9.38 -9.10
CA THR C 107 1.39 9.63 -8.48
C THR C 107 0.72 8.29 -8.26
N LYS C 108 0.56 7.90 -7.01
CA LYS C 108 -0.03 6.60 -6.68
C LYS C 108 -1.55 6.74 -6.67
N VAL C 109 -2.20 6.07 -7.61
CA VAL C 109 -3.65 6.07 -7.73
C VAL C 109 -4.19 4.79 -7.12
N GLU C 110 -5.01 4.92 -6.08
CA GLU C 110 -5.63 3.78 -5.44
C GLU C 110 -7.15 3.90 -5.56
N ILE C 111 -7.85 2.80 -5.26
CA ILE C 111 -9.28 2.71 -5.49
C ILE C 111 -10.02 3.13 -4.23
N LYS C 112 -10.89 4.12 -4.36
CA LYS C 112 -11.75 4.53 -3.26
C LYS C 112 -12.97 3.62 -3.22
N ARG C 113 -13.21 2.98 -2.09
CA ARG C 113 -14.35 2.10 -1.91
C ARG C 113 -15.09 2.49 -0.65
N THR C 114 -16.12 1.71 -0.32
CA THR C 114 -16.88 1.96 0.89
C THR C 114 -16.07 1.55 2.12
N VAL C 115 -16.47 2.10 3.27
CA VAL C 115 -15.75 1.87 4.51
C VAL C 115 -15.98 0.45 4.99
N ALA C 116 -14.90 -0.23 5.38
CA ALA C 116 -14.95 -1.55 5.98
C ALA C 116 -14.09 -1.56 7.23
N ALA C 117 -14.69 -1.90 8.36
CA ALA C 117 -13.93 -1.95 9.60
C ALA C 117 -13.05 -3.20 9.64
N PRO C 118 -11.88 -3.13 10.25
CA PRO C 118 -10.99 -4.30 10.28
C PRO C 118 -11.50 -5.39 11.21
N SER C 119 -11.24 -6.63 10.82
CA SER C 119 -11.32 -7.76 11.73
C SER C 119 -9.97 -7.89 12.43
N VAL C 120 -9.98 -8.04 13.75
CA VAL C 120 -8.77 -7.97 14.56
C VAL C 120 -8.49 -9.33 15.18
N PHE C 121 -7.22 -9.72 15.14
CA PHE C 121 -6.75 -10.98 15.72
C PHE C 121 -5.42 -10.73 16.41
N ILE C 122 -5.16 -11.46 17.50
CA ILE C 122 -3.89 -11.37 18.21
C ILE C 122 -3.28 -12.77 18.30
N PHE C 123 -1.95 -12.82 18.18
CA PHE C 123 -1.21 -14.08 18.19
C PHE C 123 -0.12 -14.01 19.25
N PRO C 124 -0.12 -14.88 20.24
CA PRO C 124 0.97 -14.90 21.22
C PRO C 124 2.24 -15.44 20.59
N PRO C 125 3.40 -15.20 21.21
CA PRO C 125 4.62 -15.81 20.69
C PRO C 125 4.58 -17.32 20.85
N SER C 126 5.29 -18.02 19.97
CA SER C 126 5.38 -19.47 20.06
C SER C 126 6.39 -19.87 21.13
N ASP C 127 6.17 -21.05 21.71
CA ASP C 127 7.14 -21.58 22.67
C ASP C 127 8.50 -21.78 22.02
N GLU C 128 8.52 -22.11 20.73
CA GLU C 128 9.78 -22.31 20.02
C GLU C 128 10.60 -21.02 19.98
N GLN C 129 9.95 -19.90 19.65
CA GLN C 129 10.66 -18.63 19.63
C GLN C 129 11.09 -18.21 21.03
N LEU C 130 10.21 -18.40 22.01
CA LEU C 130 10.52 -18.01 23.38
C LEU C 130 11.77 -18.72 23.88
N LYS C 131 11.89 -20.02 23.58
CA LYS C 131 13.07 -20.77 23.98
C LYS C 131 14.35 -20.17 23.40
N SER C 132 14.25 -19.43 22.30
CA SER C 132 15.40 -18.76 21.72
C SER C 132 15.69 -17.39 22.36
N GLY C 133 14.81 -16.92 23.24
CA GLY C 133 15.07 -15.70 24.00
C GLY C 133 14.32 -14.46 23.56
N THR C 134 13.39 -14.57 22.62
CA THR C 134 12.66 -13.41 22.10
C THR C 134 11.17 -13.75 22.03
N ALA C 135 10.35 -12.73 22.25
CA ALA C 135 8.90 -12.85 22.17
C ALA C 135 8.38 -11.87 21.13
N SER C 136 7.79 -12.40 20.06
CA SER C 136 7.08 -11.59 19.06
C SER C 136 5.59 -11.79 19.25
N VAL C 137 4.87 -10.70 19.50
CA VAL C 137 3.41 -10.68 19.57
C VAL C 137 2.90 -9.99 18.32
N VAL C 138 1.95 -10.60 17.63
CA VAL C 138 1.47 -10.10 16.35
C VAL C 138 -0.01 -9.78 16.48
N CYS C 139 -0.38 -8.60 16.01
CA CYS C 139 -1.77 -8.16 15.92
C CYS C 139 -2.11 -7.96 14.45
N LEU C 140 -3.22 -8.56 14.02
CA LEU C 140 -3.64 -8.54 12.62
C LEU C 140 -4.92 -7.72 12.48
N LEU C 141 -4.90 -6.76 11.56
CA LEU C 141 -6.09 -6.02 11.16
C LEU C 141 -6.39 -6.42 9.72
N ASN C 142 -7.53 -7.06 9.49
CA ASN C 142 -7.79 -7.71 8.21
C ASN C 142 -8.90 -7.03 7.42
N ASN C 143 -8.62 -6.77 6.15
CA ASN C 143 -9.60 -6.39 5.12
C ASN C 143 -10.40 -5.15 5.53
N PHE C 144 -9.69 -4.04 5.63
CA PHE C 144 -10.31 -2.79 6.05
C PHE C 144 -10.05 -1.69 5.02
N TYR C 145 -10.90 -0.66 5.09
CA TYR C 145 -10.79 0.53 4.25
C TYR C 145 -11.52 1.65 4.97
N PRO C 146 -10.98 2.88 4.98
CA PRO C 146 -9.72 3.32 4.36
C PRO C 146 -8.47 2.84 5.09
N ARG C 147 -7.30 3.26 4.59
CA ARG C 147 -6.04 2.71 5.05
C ARG C 147 -5.70 3.15 6.48
N GLU C 148 -6.20 4.30 6.91
CA GLU C 148 -5.78 4.85 8.21
C GLU C 148 -6.31 4.01 9.35
N ALA C 149 -5.43 3.65 10.27
CA ALA C 149 -5.79 2.87 11.45
C ALA C 149 -4.71 3.10 12.49
N LYS C 150 -5.07 2.83 13.75
CA LYS C 150 -4.13 2.95 14.86
C LYS C 150 -4.16 1.67 15.67
N VAL C 151 -2.98 1.13 15.96
CA VAL C 151 -2.83 -0.06 16.79
C VAL C 151 -2.00 0.34 18.01
N GLN C 152 -2.57 0.16 19.19
CA GLN C 152 -1.90 0.48 20.45
C GLN C 152 -1.68 -0.82 21.21
N TRP C 153 -0.43 -1.09 21.56
CA TRP C 153 -0.08 -2.24 22.38
C TRP C 153 -0.15 -1.85 23.86
N LYS C 154 -0.85 -2.66 24.64
CA LYS C 154 -0.92 -2.48 26.08
C LYS C 154 -0.46 -3.76 26.75
N VAL C 155 0.47 -3.64 27.67
CA VAL C 155 1.06 -4.77 28.38
C VAL C 155 0.81 -4.53 29.87
N ASP C 156 -0.02 -5.38 30.47
CA ASP C 156 -0.53 -5.14 31.83
C ASP C 156 -1.13 -3.74 31.92
N ASN C 157 -1.89 -3.36 30.89
CA ASN C 157 -2.58 -2.09 30.76
C ASN C 157 -1.64 -0.91 30.56
N ALA C 158 -0.35 -1.15 30.33
CA ALA C 158 0.63 -0.08 30.11
C ALA C 158 0.85 0.09 28.62
N LEU C 159 0.60 1.30 28.13
CA LEU C 159 0.74 1.60 26.71
C LEU C 159 2.21 1.49 26.29
N GLN C 160 2.46 0.79 25.20
CA GLN C 160 3.80 0.56 24.72
C GLN C 160 4.21 1.62 23.70
N SER C 161 5.52 1.85 23.60
CA SER C 161 6.07 2.78 22.64
C SER C 161 7.48 2.34 22.27
N GLY C 162 7.79 2.38 20.98
CA GLY C 162 9.14 2.13 20.50
C GLY C 162 9.54 0.68 20.32
N ASN C 163 8.64 -0.27 20.59
CA ASN C 163 8.97 -1.69 20.49
C ASN C 163 8.04 -2.43 19.54
N SER C 164 7.46 -1.74 18.58
CA SER C 164 6.59 -2.38 17.61
C SER C 164 6.87 -1.84 16.21
N GLN C 165 6.56 -2.66 15.21
CA GLN C 165 6.68 -2.29 13.81
C GLN C 165 5.42 -2.72 13.08
N GLU C 166 5.00 -1.92 12.10
CA GLU C 166 3.81 -2.20 11.32
C GLU C 166 4.17 -2.47 9.87
N SER C 167 3.34 -3.30 9.23
CA SER C 167 3.39 -3.51 7.79
C SER C 167 1.97 -3.51 7.26
N VAL C 168 1.75 -2.85 6.12
CA VAL C 168 0.44 -2.75 5.49
C VAL C 168 0.54 -3.32 4.08
N THR C 169 -0.44 -4.13 3.71
CA THR C 169 -0.46 -4.69 2.37
C THR C 169 -0.78 -3.62 1.33
N GLU C 170 -0.43 -3.90 0.09
CA GLU C 170 -0.97 -3.14 -1.02
C GLU C 170 -2.47 -3.39 -1.13
N GLN C 171 -3.18 -2.40 -1.65
CA GLN C 171 -4.62 -2.52 -1.78
C GLN C 171 -4.98 -3.77 -2.58
N ASP C 172 -5.92 -4.56 -2.05
CA ASP C 172 -6.29 -5.81 -2.69
C ASP C 172 -6.95 -5.53 -4.03
N SER C 173 -6.51 -6.24 -5.07
CA SER C 173 -7.02 -5.98 -6.41
C SER C 173 -8.49 -6.35 -6.56
N LYS C 174 -9.01 -7.24 -5.71
CA LYS C 174 -10.39 -7.68 -5.84
C LYS C 174 -11.36 -6.86 -5.01
N ASP C 175 -11.10 -6.73 -3.70
CA ASP C 175 -12.02 -6.03 -2.81
C ASP C 175 -11.50 -4.67 -2.36
N SER C 176 -10.32 -4.24 -2.82
CA SER C 176 -9.81 -2.90 -2.59
C SER C 176 -9.60 -2.58 -1.11
N THR C 177 -9.38 -3.61 -0.30
CA THR C 177 -9.13 -3.41 1.12
C THR C 177 -7.62 -3.47 1.42
N TYR C 178 -7.29 -3.08 2.63
CA TYR C 178 -5.95 -3.22 3.19
C TYR C 178 -5.99 -4.19 4.36
N SER C 179 -4.83 -4.76 4.66
CA SER C 179 -4.62 -5.46 5.91
C SER C 179 -3.33 -4.94 6.52
N LEU C 180 -3.24 -5.05 7.85
CA LEU C 180 -2.12 -4.49 8.59
C LEU C 180 -1.67 -5.49 9.63
N SER C 181 -0.35 -5.59 9.80
CA SER C 181 0.25 -6.34 10.88
C SER C 181 1.03 -5.40 11.77
N SER C 182 0.87 -5.56 13.08
CA SER C 182 1.70 -4.88 14.06
C SER C 182 2.37 -5.93 14.92
N THR C 183 3.69 -5.85 15.02
CA THR C 183 4.48 -6.85 15.73
C THR C 183 5.18 -6.21 16.90
N LEU C 184 4.87 -6.69 18.10
CA LEU C 184 5.51 -6.26 19.33
C LEU C 184 6.62 -7.23 19.67
N THR C 185 7.84 -6.71 19.83
CA THR C 185 9.01 -7.55 20.09
C THR C 185 9.57 -7.24 21.47
N LEU C 186 9.66 -8.26 22.30
CA LEU C 186 10.20 -8.14 23.64
C LEU C 186 11.23 -9.25 23.85
N SER C 187 12.19 -8.99 24.72
CA SER C 187 13.05 -10.06 25.20
C SER C 187 12.22 -11.08 25.96
N LYS C 188 12.71 -12.32 26.01
CA LYS C 188 12.02 -13.35 26.78
C LYS C 188 11.84 -12.92 28.23
N ALA C 189 12.85 -12.26 28.81
CA ALA C 189 12.78 -11.84 30.20
C ALA C 189 11.67 -10.80 30.40
N ASP C 190 11.62 -9.79 29.52
CA ASP C 190 10.58 -8.77 29.65
C ASP C 190 9.20 -9.38 29.42
N TYR C 191 9.09 -10.33 28.49
CA TYR C 191 7.81 -10.98 28.23
C TYR C 191 7.31 -11.72 29.47
N GLU C 192 8.21 -12.39 30.20
CA GLU C 192 7.82 -13.19 31.34
C GLU C 192 7.47 -12.35 32.57
N LYS C 193 7.72 -11.05 32.54
CA LYS C 193 7.39 -10.18 33.66
C LYS C 193 5.93 -9.74 33.67
N HIS C 194 5.19 -9.97 32.59
CA HIS C 194 3.85 -9.43 32.45
C HIS C 194 2.87 -10.52 32.05
N LYS C 195 1.59 -10.26 32.30
CA LYS C 195 0.53 -11.22 32.07
C LYS C 195 -0.35 -10.87 30.88
N VAL C 196 -0.94 -9.68 30.88
CA VAL C 196 -1.95 -9.31 29.89
C VAL C 196 -1.27 -8.63 28.70
N TYR C 197 -1.46 -9.20 27.52
CA TYR C 197 -0.96 -8.62 26.27
C TYR C 197 -2.15 -8.31 25.38
N ALA C 198 -2.30 -7.04 25.02
CA ALA C 198 -3.48 -6.58 24.31
C ALA C 198 -3.07 -5.65 23.18
N CYS C 199 -3.72 -5.79 22.03
CA CYS C 199 -3.65 -4.80 20.98
C CYS C 199 -5.02 -4.14 20.83
N GLU C 200 -5.03 -2.81 20.89
CA GLU C 200 -6.25 -2.03 20.84
C GLU C 200 -6.28 -1.28 19.51
N VAL C 201 -7.36 -1.46 18.76
CA VAL C 201 -7.44 -1.03 17.37
C VAL C 201 -8.54 0.03 17.22
N THR C 202 -8.20 1.13 16.55
CA THR C 202 -9.18 2.10 16.12
C THR C 202 -9.11 2.28 14.61
N HIS C 203 -10.26 2.61 14.03
CA HIS C 203 -10.43 2.81 12.60
C HIS C 203 -11.73 3.58 12.42
N GLN C 204 -11.81 4.38 11.35
CA GLN C 204 -12.98 5.25 11.22
C GLN C 204 -14.27 4.46 11.05
N GLY C 205 -14.19 3.19 10.64
CA GLY C 205 -15.36 2.34 10.59
C GLY C 205 -15.73 1.70 11.91
N LEU C 206 -14.92 1.86 12.96
CA LEU C 206 -15.20 1.28 14.26
C LEU C 206 -15.78 2.35 15.19
N SER C 207 -16.94 2.06 15.77
CA SER C 207 -17.55 3.01 16.70
C SER C 207 -16.79 3.09 18.01
N SER C 208 -16.21 1.98 18.45
CA SER C 208 -15.41 1.92 19.66
C SER C 208 -14.18 1.06 19.40
N PRO C 209 -13.09 1.30 20.12
CA PRO C 209 -11.86 0.53 19.87
C PRO C 209 -12.09 -0.96 20.05
N VAL C 210 -11.44 -1.75 19.21
CA VAL C 210 -11.49 -3.20 19.30
C VAL C 210 -10.23 -3.68 20.00
N THR C 211 -10.39 -4.37 21.12
CA THR C 211 -9.26 -4.91 21.87
C THR C 211 -9.27 -6.43 21.76
N LYS C 212 -8.15 -6.99 21.33
CA LYS C 212 -7.91 -8.42 21.38
C LYS C 212 -6.73 -8.67 22.32
N SER C 213 -6.90 -9.61 23.25
CA SER C 213 -5.89 -9.82 24.27
C SER C 213 -5.78 -11.30 24.61
N PHE C 214 -4.65 -11.65 25.23
CA PHE C 214 -4.44 -12.98 25.81
C PHE C 214 -3.68 -12.83 27.11
N ASN C 215 -3.78 -13.86 27.95
CA ASN C 215 -3.03 -13.92 29.19
C ASN C 215 -1.86 -14.87 29.00
N ARG C 216 -0.65 -14.40 29.29
CA ARG C 216 0.54 -15.19 29.08
C ARG C 216 0.47 -16.49 29.86
N GLY C 217 0.77 -17.60 29.18
CA GLY C 217 0.79 -18.91 29.82
C GLY C 217 -0.56 -19.55 30.04
N GLU C 218 -1.64 -18.97 29.51
CA GLU C 218 -2.96 -19.53 29.70
C GLU C 218 -3.32 -20.50 28.58
C1 GOL D . -14.45 16.55 0.39
O1 GOL D . -13.26 16.45 -0.33
C2 GOL D . -14.08 17.23 1.73
O2 GOL D . -14.39 18.58 1.72
C3 GOL D . -14.83 16.44 2.82
O3 GOL D . -14.92 17.29 3.92
#